data_8TJV
#
_entry.id   8TJV
#
loop_
_entity.id
_entity.type
_entity.pdbx_description
1 polymer 'RNA (417-MER)'
2 non-polymer 'MAGNESIUM ION'
3 non-polymer 'FLUORIDE ION'
4 non-polymer 'POTASSIUM ION'
#
_entity_poly.entity_id   1
_entity_poly.type   'polyribonucleotide'
_entity_poly.pdbx_seq_one_letter_code
;GGGCGAUGAGGCCCGCCCAAACUGCCCUAUAUGGAUGCAGUUCACAGACUAAAUGUCGGUCGGGGAAGAUGUAUUCUUCU
CAUAAGAUAUAGUCGGACCUCUCCUUAAUGGGAGCUAGCGGAUGAAGUGAUGCAACACUGGAGCCGCUGGGAACUAAUUU
GUAUGCGAAAGUAUAUUGAUUAGUUUUGGAGGAGGGAAAAGUUAUCAGGCAUGCACCUGGUAGCUAGUCUUUAAACCAAU
AGAUUGCAUCGGUUUAAAAGGCAAGACCGUCAAAUUGCGGGAAAGGGGUCAACAGCCGUUCAGUACCAAGUCUCAGGGGA
AACUUUGAGAUGGCCUUGCAAAGGGUAUGGUAAUAAGCUGACGGACAUGGUCCUAACCACGCAGCCAAGUCCUAAGUAGG
GCUGAUGGCCUCUACUG
;
_entity_poly.pdbx_strand_id   A
#